data_4LD3
#
_entry.id   4LD3
#
_cell.length_a   79.396
_cell.length_b   79.396
_cell.length_c   50.561
_cell.angle_alpha   90.00
_cell.angle_beta   90.00
_cell.angle_gamma   120.00
#
_symmetry.space_group_name_H-M   'P 32'
#
loop_
_entity.id
_entity.type
_entity.pdbx_description
1 polymer 'Uncharacterized protein'
2 polymer 'SCL-interrupting locus protein homolog'
3 non-polymer 'ISOPROPYL ALCOHOL'
4 non-polymer GLYCEROL
5 water water
#
loop_
_entity_poly.entity_id
_entity_poly.type
_entity_poly.pdbx_seq_one_letter_code
_entity_poly.pdbx_strand_id
1 'polypeptide(L)'
;GPLGSDSKIEKMLPDGGRLVVFPNGTRKELSADGQTVKVMFFNGDVKHTMPDQRVIYYYAEAQTTHITYPDGMEVLQFPN
NQTEKHFPDGRKEITFPDQTVKTLHPDGREESVLTDGTIIQLNPDGSKVIQFNTGQREIHTADFKRREYPDGTVKTVYSD
GRQETQYPTGRVRLKDPQGKVIMD
;
A
2 'polypeptide(L)' GPLGSCYQNKLSISDHDSGVEDEDLSPRPSPNPHPVSQQTKRVHPLVPELSMVLDGSFLD B
#
loop_
_chem_comp.id
_chem_comp.type
_chem_comp.name
_chem_comp.formula
GOL non-polymer GLYCEROL 'C3 H8 O3'
IPA non-polymer 'ISOPROPYL ALCOHOL' 'C3 H8 O'
#
# COMPACT_ATOMS: atom_id res chain seq x y z
N GLY A 16 9.55 32.89 -21.32
CA GLY A 16 8.61 32.03 -20.62
C GLY A 16 8.45 30.71 -21.33
N GLY A 17 7.47 29.94 -20.94
CA GLY A 17 7.27 28.63 -21.55
C GLY A 17 6.61 28.67 -22.91
N ARG A 18 5.94 27.58 -23.23
CA ARG A 18 5.25 27.37 -24.49
C ARG A 18 4.01 26.53 -24.24
N LEU A 19 2.91 26.86 -24.91
CA LEU A 19 1.67 26.09 -24.87
C LEU A 19 1.43 25.48 -26.24
N VAL A 20 1.13 24.18 -26.28
CA VAL A 20 0.80 23.50 -27.53
C VAL A 20 -0.58 22.89 -27.35
N VAL A 21 -1.46 23.15 -28.32
CA VAL A 21 -2.84 22.64 -28.33
C VAL A 21 -3.02 21.77 -29.55
N PHE A 22 -3.29 20.49 -29.33
CA PHE A 22 -3.44 19.52 -30.41
C PHE A 22 -4.85 19.50 -30.94
N PRO A 23 -5.05 19.09 -32.20
CA PRO A 23 -6.41 19.07 -32.76
C PRO A 23 -7.40 18.21 -31.96
N ASN A 24 -6.90 17.19 -31.23
CA ASN A 24 -7.81 16.35 -30.44
C ASN A 24 -8.20 16.99 -29.09
N GLY A 25 -7.64 18.14 -28.76
CA GLY A 25 -7.96 18.85 -27.52
C GLY A 25 -6.92 18.76 -26.43
N THR A 26 -5.99 17.78 -26.54
CA THR A 26 -4.89 17.64 -25.59
C THR A 26 -4.04 18.92 -25.63
N ARG A 27 -3.68 19.38 -24.45
CA ARG A 27 -2.85 20.58 -24.26
C ARG A 27 -1.58 20.19 -23.52
N LYS A 28 -0.46 20.77 -23.90
CA LYS A 28 0.87 20.56 -23.33
C LYS A 28 1.47 21.90 -23.00
N GLU A 29 1.83 22.13 -21.74
CA GLU A 29 2.50 23.34 -21.26
C GLU A 29 3.89 22.99 -20.88
N LEU A 30 4.85 23.75 -21.39
CA LEU A 30 6.25 23.52 -21.12
C LEU A 30 6.84 24.75 -20.47
N SER A 31 7.56 24.57 -19.35
CA SER A 31 8.25 25.67 -18.67
C SER A 31 9.34 26.20 -19.58
N ALA A 32 9.82 27.42 -19.33
CA ALA A 32 10.90 28.02 -20.11
C ALA A 32 12.13 27.09 -20.23
N ASP A 33 12.54 26.43 -19.13
CA ASP A 33 13.71 25.57 -19.16
C ASP A 33 13.39 24.13 -19.65
N GLY A 34 12.09 23.85 -19.85
CA GLY A 34 11.62 22.56 -20.33
C GLY A 34 11.64 21.44 -19.31
N GLN A 35 11.98 21.76 -18.05
CA GLN A 35 12.11 20.76 -16.97
C GLN A 35 10.77 20.39 -16.36
N THR A 36 9.76 21.25 -16.55
CA THR A 36 8.39 21.00 -16.12
C THR A 36 7.49 20.93 -17.35
N VAL A 37 6.80 19.82 -17.49
CA VAL A 37 5.85 19.59 -18.57
C VAL A 37 4.53 19.15 -17.95
N LYS A 38 3.45 19.82 -18.29
CA LYS A 38 2.10 19.49 -17.86
C LYS A 38 1.28 19.13 -19.10
N VAL A 39 0.75 17.92 -19.14
CA VAL A 39 -0.09 17.44 -20.24
C VAL A 39 -1.51 17.31 -19.72
N MET A 40 -2.43 18.01 -20.35
CA MET A 40 -3.84 17.95 -20.03
C MET A 40 -4.52 17.24 -21.18
N PHE A 41 -4.79 15.97 -20.97
CA PHE A 41 -5.38 15.13 -22.01
C PHE A 41 -6.84 15.46 -22.28
N PHE A 42 -7.30 15.16 -23.51
CA PHE A 42 -8.67 15.41 -23.96
C PHE A 42 -9.74 14.73 -23.02
N ASN A 43 -9.39 13.65 -22.33
CA ASN A 43 -10.32 12.92 -21.47
C ASN A 43 -10.33 13.42 -19.99
N GLY A 44 -9.58 14.49 -19.70
CA GLY A 44 -9.54 15.05 -18.37
C GLY A 44 -8.34 14.69 -17.54
N ASP A 45 -7.63 13.61 -17.93
CA ASP A 45 -6.43 13.20 -17.20
C ASP A 45 -5.35 14.27 -17.27
N VAL A 46 -4.48 14.33 -16.25
CA VAL A 46 -3.37 15.28 -16.22
C VAL A 46 -2.09 14.59 -15.82
N LYS A 47 -1.03 14.85 -16.56
CA LYS A 47 0.30 14.31 -16.31
C LYS A 47 1.26 15.47 -16.15
N HIS A 48 1.91 15.49 -15.00
CA HIS A 48 2.93 16.47 -14.64
C HIS A 48 4.26 15.80 -14.52
N THR A 49 5.21 16.21 -15.34
CA THR A 49 6.60 15.76 -15.24
C THR A 49 7.37 16.88 -14.57
N MET A 50 7.97 16.58 -13.42
CA MET A 50 8.61 17.58 -12.59
C MET A 50 10.12 17.63 -12.84
N PRO A 51 10.80 18.72 -12.46
CA PRO A 51 12.25 18.79 -12.65
C PRO A 51 13.01 17.71 -11.89
N ASP A 52 12.49 17.23 -10.74
CA ASP A 52 13.14 16.19 -9.92
C ASP A 52 12.87 14.79 -10.51
N GLN A 53 12.20 14.75 -11.67
CA GLN A 53 11.94 13.57 -12.50
C GLN A 53 10.76 12.76 -12.03
N ARG A 54 10.07 13.20 -10.98
CA ARG A 54 8.88 12.47 -10.61
C ARG A 54 7.77 12.81 -11.58
N VAL A 55 6.89 11.84 -11.81
CA VAL A 55 5.78 12.00 -12.72
C VAL A 55 4.50 11.81 -11.94
N ILE A 56 3.62 12.80 -12.02
CA ILE A 56 2.33 12.76 -11.33
C ILE A 56 1.26 12.60 -12.38
N TYR A 57 0.41 11.59 -12.22
CA TYR A 57 -0.69 11.35 -13.15
C TYR A 57 -2.00 11.32 -12.40
N TYR A 58 -2.91 12.12 -12.90
CA TYR A 58 -4.23 12.22 -12.38
C TYR A 58 -5.20 11.64 -13.36
N TYR A 59 -5.98 10.66 -12.90
CA TYR A 59 -7.04 9.98 -13.66
C TYR A 59 -8.37 10.62 -13.33
N ALA A 60 -8.93 11.40 -14.24
CA ALA A 60 -10.15 12.16 -13.99
C ALA A 60 -11.39 11.31 -13.68
N GLU A 61 -11.61 10.21 -14.44
CA GLU A 61 -12.77 9.37 -14.26
C GLU A 61 -12.71 8.67 -12.93
N ALA A 62 -11.55 8.10 -12.61
CA ALA A 62 -11.35 7.38 -11.37
C ALA A 62 -10.98 8.30 -10.23
N GLN A 63 -10.74 9.59 -10.48
CA GLN A 63 -10.33 10.58 -9.46
C GLN A 63 -9.11 10.08 -8.64
N THR A 64 -8.22 9.36 -9.32
CA THR A 64 -7.05 8.70 -8.74
C THR A 64 -5.76 9.42 -9.14
N THR A 65 -4.86 9.58 -8.17
CA THR A 65 -3.55 10.20 -8.40
C THR A 65 -2.49 9.10 -8.31
N HIS A 66 -1.57 9.08 -9.25
CA HIS A 66 -0.51 8.10 -9.32
C HIS A 66 0.84 8.83 -9.50
N ILE A 67 1.75 8.68 -8.50
CA ILE A 67 3.07 9.30 -8.51
C ILE A 67 4.14 8.24 -8.71
N THR A 68 5.00 8.44 -9.71
CA THR A 68 6.14 7.57 -9.98
C THR A 68 7.41 8.34 -9.66
N TYR A 69 8.28 7.72 -8.91
CA TYR A 69 9.55 8.33 -8.52
C TYR A 69 10.68 7.74 -9.32
N PRO A 70 11.77 8.51 -9.51
CA PRO A 70 12.90 7.99 -10.28
C PRO A 70 13.52 6.72 -9.70
N ASP A 71 13.40 6.45 -8.39
CA ASP A 71 13.98 5.25 -7.80
C ASP A 71 13.06 3.99 -7.97
N GLY A 72 11.90 4.17 -8.60
CA GLY A 72 10.95 3.08 -8.85
C GLY A 72 9.76 3.06 -7.94
N MET A 73 9.80 3.83 -6.85
CA MET A 73 8.68 3.93 -5.93
C MET A 73 7.44 4.44 -6.67
N GLU A 74 6.28 3.84 -6.39
CA GLU A 74 4.99 4.30 -6.94
C GLU A 74 3.98 4.45 -5.83
N VAL A 75 3.24 5.54 -5.85
CA VAL A 75 2.17 5.87 -4.90
C VAL A 75 0.89 6.11 -5.65
N LEU A 76 -0.18 5.46 -5.19
CA LEU A 76 -1.53 5.60 -5.71
C LEU A 76 -2.46 6.09 -4.64
N GLN A 77 -3.26 7.08 -4.95
CA GLN A 77 -4.26 7.63 -4.04
C GLN A 77 -5.62 7.54 -4.69
N PHE A 78 -6.57 6.88 -4.01
CA PHE A 78 -7.93 6.66 -4.48
C PHE A 78 -8.88 7.60 -3.81
N PRO A 79 -10.02 7.91 -4.46
CA PRO A 79 -10.95 8.90 -3.90
C PRO A 79 -11.69 8.43 -2.63
N ASN A 80 -11.61 7.14 -2.29
CA ASN A 80 -12.22 6.64 -1.05
C ASN A 80 -11.25 6.84 0.13
N ASN A 81 -10.14 7.58 -0.08
CA ASN A 81 -9.05 7.88 0.85
C ASN A 81 -8.13 6.64 1.11
N GLN A 82 -8.16 5.64 0.21
CA GLN A 82 -7.24 4.52 0.22
C GLN A 82 -5.94 4.96 -0.49
N THR A 83 -4.78 4.64 0.08
CA THR A 83 -3.50 4.98 -0.53
C THR A 83 -2.63 3.73 -0.57
N GLU A 84 -1.83 3.58 -1.63
CA GLU A 84 -0.95 2.41 -1.76
C GLU A 84 0.42 2.81 -2.15
N LYS A 85 1.43 2.20 -1.53
CA LYS A 85 2.83 2.46 -1.83
C LYS A 85 3.43 1.19 -2.35
N HIS A 86 4.02 1.23 -3.54
CA HIS A 86 4.70 0.10 -4.18
C HIS A 86 6.15 0.41 -4.17
N PHE A 87 6.92 -0.26 -3.30
CA PHE A 87 8.35 -0.04 -3.15
C PHE A 87 9.15 -0.81 -4.18
N PRO A 88 10.34 -0.27 -4.57
CA PRO A 88 11.16 -0.96 -5.59
C PRO A 88 11.60 -2.37 -5.18
N ASP A 89 11.69 -2.67 -3.87
CA ASP A 89 12.09 -4.00 -3.40
C ASP A 89 10.94 -5.04 -3.46
N GLY A 90 9.75 -4.63 -3.93
CA GLY A 90 8.62 -5.54 -4.04
C GLY A 90 7.56 -5.37 -2.98
N ARG A 91 7.88 -4.67 -1.90
CA ARG A 91 6.96 -4.45 -0.80
C ARG A 91 5.81 -3.54 -1.24
N LYS A 92 4.60 -3.88 -0.81
CA LYS A 92 3.38 -3.08 -1.07
C LYS A 92 2.78 -2.68 0.26
N GLU A 93 2.42 -1.41 0.44
CA GLU A 93 1.80 -0.97 1.68
C GLU A 93 0.50 -0.27 1.36
N ILE A 94 -0.59 -0.83 1.87
CA ILE A 94 -1.93 -0.29 1.66
C ILE A 94 -2.45 0.35 2.93
N THR A 95 -2.90 1.60 2.84
CA THR A 95 -3.56 2.29 3.94
C THR A 95 -4.99 2.37 3.54
N PHE A 96 -5.83 1.64 4.24
CA PHE A 96 -7.26 1.59 3.96
C PHE A 96 -7.95 2.83 4.46
N PRO A 97 -9.19 3.10 4.00
CA PRO A 97 -9.90 4.29 4.49
C PRO A 97 -10.08 4.32 6.02
N ASP A 98 -10.18 3.14 6.68
CA ASP A 98 -10.34 3.06 8.13
C ASP A 98 -8.99 3.21 8.88
N GLN A 99 -7.91 3.46 8.11
CA GLN A 99 -6.54 3.72 8.57
C GLN A 99 -5.76 2.46 9.03
N THR A 100 -6.33 1.26 8.80
CA THR A 100 -5.56 0.03 8.93
C THR A 100 -4.46 0.09 7.87
N VAL A 101 -3.25 -0.34 8.23
CA VAL A 101 -2.13 -0.41 7.31
C VAL A 101 -1.78 -1.87 7.08
N LYS A 102 -1.88 -2.34 5.83
CA LYS A 102 -1.51 -3.70 5.44
C LYS A 102 -0.26 -3.68 4.58
N THR A 103 0.76 -4.39 5.02
CA THR A 103 2.00 -4.49 4.30
C THR A 103 2.12 -5.90 3.78
N LEU A 104 2.45 -5.98 2.48
CA LEU A 104 2.71 -7.24 1.79
C LEU A 104 4.19 -7.30 1.48
N HIS A 105 4.88 -8.35 1.96
CA HIS A 105 6.31 -8.46 1.78
C HIS A 105 6.70 -9.39 0.67
N PRO A 106 7.87 -9.14 0.04
CA PRO A 106 8.34 -10.02 -1.05
C PRO A 106 8.54 -11.46 -0.67
N ASP A 107 8.81 -11.78 0.60
CA ASP A 107 9.02 -13.15 1.02
C ASP A 107 7.65 -13.91 1.28
N GLY A 108 6.52 -13.23 1.05
CA GLY A 108 5.21 -13.84 1.24
C GLY A 108 4.47 -13.50 2.51
N ARG A 109 5.10 -12.82 3.41
CA ARG A 109 4.46 -12.52 4.68
C ARG A 109 3.60 -11.26 4.57
N GLU A 110 2.52 -11.23 5.37
CA GLU A 110 1.64 -10.07 5.42
C GLU A 110 1.49 -9.60 6.83
N GLU A 111 1.52 -8.30 7.05
CA GLU A 111 1.33 -7.68 8.35
C GLU A 111 0.30 -6.56 8.24
N SER A 112 -0.73 -6.65 9.08
CA SER A 112 -1.77 -5.63 9.24
C SER A 112 -1.61 -4.99 10.62
N VAL A 113 -1.64 -3.66 10.65
CA VAL A 113 -1.57 -2.88 11.87
C VAL A 113 -2.88 -2.14 12.01
N LEU A 114 -3.61 -2.42 13.06
CA LEU A 114 -4.89 -1.76 13.30
C LEU A 114 -4.66 -0.43 14.01
N THR A 115 -5.65 0.44 13.99
CA THR A 115 -5.56 1.76 14.63
C THR A 115 -5.35 1.65 16.16
N ASP A 116 -5.74 0.54 16.78
CA ASP A 116 -5.52 0.38 18.21
C ASP A 116 -4.11 -0.19 18.54
N GLY A 117 -3.29 -0.40 17.49
CA GLY A 117 -1.92 -0.88 17.64
C GLY A 117 -1.72 -2.38 17.48
N THR A 118 -2.83 -3.15 17.42
CA THR A 118 -2.76 -4.58 17.20
C THR A 118 -2.02 -4.87 15.89
N ILE A 119 -1.13 -5.87 15.91
CA ILE A 119 -0.41 -6.32 14.72
C ILE A 119 -0.81 -7.75 14.43
N ILE A 120 -1.20 -8.03 13.18
CA ILE A 120 -1.57 -9.34 12.70
C ILE A 120 -0.62 -9.72 11.59
N GLN A 121 0.21 -10.73 11.85
CA GLN A 121 1.19 -11.24 10.91
C GLN A 121 0.77 -12.61 10.38
N LEU A 122 0.62 -12.71 9.06
CA LEU A 122 0.30 -13.96 8.37
C LEU A 122 1.55 -14.44 7.71
N ASN A 123 1.93 -15.68 7.98
CA ASN A 123 3.15 -16.23 7.43
C ASN A 123 2.88 -17.24 6.31
N PRO A 124 3.80 -17.38 5.34
CA PRO A 124 3.63 -18.34 4.25
C PRO A 124 3.40 -19.78 4.68
N ASP A 125 3.86 -20.17 5.87
CA ASP A 125 3.71 -21.52 6.31
C ASP A 125 2.32 -21.77 6.96
N GLY A 126 1.46 -20.77 6.98
CA GLY A 126 0.13 -20.92 7.52
C GLY A 126 -0.01 -20.47 8.95
N SER A 127 1.11 -20.17 9.60
CA SER A 127 1.02 -19.68 10.95
C SER A 127 0.63 -18.17 10.97
N LYS A 128 -0.01 -17.76 12.06
CA LYS A 128 -0.42 -16.39 12.34
C LYS A 128 0.10 -15.99 13.70
N VAL A 129 0.60 -14.75 13.79
CA VAL A 129 1.07 -14.17 15.04
C VAL A 129 0.33 -12.88 15.24
N ILE A 130 -0.28 -12.73 16.42
CA ILE A 130 -0.96 -11.51 16.79
C ILE A 130 -0.26 -10.91 17.98
N GLN A 131 0.07 -9.62 17.90
CA GLN A 131 0.62 -8.89 19.02
C GLN A 131 -0.45 -7.88 19.39
N PHE A 132 -1.08 -8.09 20.56
CA PHE A 132 -2.11 -7.17 21.02
C PHE A 132 -1.49 -5.92 21.60
N ASN A 133 -2.28 -4.84 21.64
CA ASN A 133 -1.88 -3.58 22.26
C ASN A 133 -1.51 -3.78 23.76
N THR A 134 -2.04 -4.86 24.39
CA THR A 134 -1.81 -5.21 25.80
C THR A 134 -0.43 -5.80 26.05
N GLY A 135 0.31 -6.08 25.00
CA GLY A 135 1.63 -6.67 25.13
C GLY A 135 1.61 -8.17 25.00
N GLN A 136 0.43 -8.77 25.07
CA GLN A 136 0.42 -10.19 24.88
C GLN A 136 0.47 -10.57 23.39
N ARG A 137 1.08 -11.70 23.11
CA ARG A 137 1.25 -12.27 21.78
C ARG A 137 0.46 -13.58 21.74
N GLU A 138 -0.15 -13.87 20.62
CA GLU A 138 -0.89 -15.10 20.39
C GLU A 138 -0.39 -15.70 19.07
N ILE A 139 -0.08 -17.00 19.03
CA ILE A 139 0.44 -17.70 17.87
C ILE A 139 -0.47 -18.88 17.49
N HIS A 140 -0.91 -18.90 16.21
CA HIS A 140 -1.74 -19.98 15.69
C HIS A 140 -0.95 -20.78 14.69
N THR A 141 -0.76 -22.07 14.93
CA THR A 141 -0.08 -23.01 14.05
C THR A 141 -1.03 -24.17 13.80
N ALA A 142 -0.63 -25.10 12.94
CA ALA A 142 -1.41 -26.32 12.68
C ALA A 142 -1.49 -27.22 13.93
N ASP A 143 -0.46 -27.17 14.79
CA ASP A 143 -0.33 -28.04 15.96
C ASP A 143 -0.88 -27.46 17.24
N PHE A 144 -0.99 -26.12 17.33
CA PHE A 144 -1.51 -25.48 18.52
C PHE A 144 -1.85 -24.01 18.34
N LYS A 145 -2.59 -23.49 19.33
CA LYS A 145 -2.86 -22.08 19.54
C LYS A 145 -2.18 -21.78 20.85
N ARG A 146 -1.37 -20.74 20.88
CA ARG A 146 -0.60 -20.38 22.05
C ARG A 146 -0.78 -18.93 22.40
N ARG A 147 -1.07 -18.64 23.67
CA ARG A 147 -1.22 -17.27 24.13
C ARG A 147 -0.29 -17.00 25.29
N GLU A 148 0.56 -16.03 25.05
CA GLU A 148 1.53 -15.47 25.99
C GLU A 148 0.88 -14.28 26.61
N TYR A 149 1.01 -14.16 27.93
CA TYR A 149 0.48 -13.07 28.70
C TYR A 149 1.66 -12.27 29.25
N PRO A 150 1.49 -10.94 29.47
CA PRO A 150 2.64 -10.13 29.90
C PRO A 150 3.11 -10.42 31.31
N ASP A 151 2.33 -11.17 32.11
CA ASP A 151 2.74 -11.59 33.45
C ASP A 151 3.71 -12.80 33.37
N GLY A 152 4.01 -13.26 32.16
CA GLY A 152 4.94 -14.34 31.90
C GLY A 152 4.30 -15.70 31.77
N THR A 153 2.98 -15.80 31.99
CA THR A 153 2.30 -17.10 31.84
C THR A 153 2.06 -17.37 30.34
N VAL A 154 1.99 -18.67 29.98
CA VAL A 154 1.77 -19.12 28.59
C VAL A 154 0.75 -20.24 28.59
N LYS A 155 -0.32 -20.14 27.82
CA LYS A 155 -1.28 -21.24 27.64
C LYS A 155 -1.23 -21.75 26.19
N THR A 156 -1.08 -23.05 26.00
CA THR A 156 -1.05 -23.69 24.69
C THR A 156 -2.18 -24.70 24.63
N VAL A 157 -2.98 -24.64 23.56
CA VAL A 157 -4.03 -25.63 23.30
C VAL A 157 -3.60 -26.37 22.07
N TYR A 158 -3.26 -27.64 22.22
CA TYR A 158 -2.77 -28.45 21.11
C TYR A 158 -3.94 -29.01 20.27
N SER A 159 -3.62 -29.46 19.04
CA SER A 159 -4.57 -30.03 18.06
C SER A 159 -5.29 -31.27 18.63
N ASP A 160 -4.64 -32.01 19.56
CA ASP A 160 -5.25 -33.17 20.19
C ASP A 160 -6.21 -32.78 21.33
N GLY A 161 -6.31 -31.47 21.60
CA GLY A 161 -7.23 -30.94 22.60
C GLY A 161 -6.63 -30.69 23.96
N ARG A 162 -5.40 -31.19 24.24
CA ARG A 162 -4.81 -30.97 25.53
C ARG A 162 -4.40 -29.50 25.72
N GLN A 163 -4.50 -29.04 26.97
CA GLN A 163 -4.23 -27.67 27.34
C GLN A 163 -3.09 -27.61 28.32
N GLU A 164 -2.08 -26.83 28.02
CA GLU A 164 -0.92 -26.68 28.91
C GLU A 164 -0.76 -25.24 29.34
N THR A 165 -0.68 -25.00 30.66
CA THR A 165 -0.42 -23.66 31.22
C THR A 165 0.92 -23.68 31.91
N GLN A 166 1.81 -22.82 31.46
CA GLN A 166 3.15 -22.64 32.01
C GLN A 166 3.11 -21.40 32.87
N TYR A 167 3.38 -21.53 34.17
CA TYR A 167 3.33 -20.38 35.08
C TYR A 167 4.66 -19.65 35.15
N PRO A 168 4.66 -18.34 35.45
CA PRO A 168 5.92 -17.59 35.48
C PRO A 168 6.75 -17.88 36.74
N THR A 169 8.07 -17.71 36.62
CA THR A 169 9.02 -17.92 37.72
C THR A 169 8.96 -16.75 38.69
N GLU B 23 6.76 11.45 -28.29
CA GLU B 23 6.05 11.81 -29.51
C GLU B 23 4.57 11.40 -29.46
N ASP B 24 4.21 10.52 -28.50
CA ASP B 24 2.85 9.99 -28.29
C ASP B 24 2.23 10.51 -26.97
N LEU B 25 1.22 11.40 -27.12
CA LEU B 25 0.52 12.04 -26.02
C LEU B 25 -0.97 11.63 -25.99
N SER B 26 -1.16 10.31 -25.85
CA SER B 26 -2.44 9.65 -25.68
C SER B 26 -2.54 9.24 -24.22
N PRO B 27 -3.70 9.34 -23.53
CA PRO B 27 -3.75 8.99 -22.11
C PRO B 27 -3.54 7.49 -21.83
N ARG B 28 -3.21 7.20 -20.56
CA ARG B 28 -3.04 5.85 -20.02
C ARG B 28 -4.40 5.16 -19.82
N PRO B 29 -4.48 3.81 -19.68
CA PRO B 29 -5.78 3.21 -19.30
C PRO B 29 -6.01 3.33 -17.77
N SER B 30 -7.31 3.25 -17.37
CA SER B 30 -7.83 3.36 -15.99
C SER B 30 -7.09 2.48 -14.93
N PRO B 31 -6.88 3.03 -13.70
CA PRO B 31 -6.20 2.24 -12.65
C PRO B 31 -7.20 1.42 -11.81
N ASN B 32 -6.69 0.42 -11.08
CA ASN B 32 -7.54 -0.38 -10.21
C ASN B 32 -6.84 -0.64 -8.91
N PRO B 33 -7.54 -0.48 -7.75
CA PRO B 33 -6.89 -0.79 -6.46
C PRO B 33 -6.40 -2.23 -6.44
N HIS B 34 -5.16 -2.43 -5.93
CA HIS B 34 -4.52 -3.74 -5.80
C HIS B 34 -5.44 -4.62 -4.95
N PRO B 35 -6.00 -5.73 -5.54
CA PRO B 35 -6.97 -6.58 -4.79
C PRO B 35 -6.47 -6.99 -3.39
N VAL B 36 -7.34 -6.75 -2.38
CA VAL B 36 -7.09 -6.98 -0.95
C VAL B 36 -8.01 -8.07 -0.34
N SER B 37 -7.53 -8.72 0.74
CA SER B 37 -8.30 -9.72 1.47
C SER B 37 -9.22 -9.03 2.49
N GLN B 38 -8.77 -7.87 3.04
CA GLN B 38 -9.49 -7.05 4.02
C GLN B 38 -9.05 -5.59 3.92
C1 IPA C . 2.80 20.46 -9.73
C2 IPA C . 1.76 19.91 -8.76
C3 IPA C . 0.67 19.13 -9.43
O2 IPA C . 2.33 18.95 -8.00
C1 IPA D . 9.01 15.07 -3.88
C2 IPA D . 8.01 14.35 -2.95
C3 IPA D . 7.44 15.32 -1.93
O2 IPA D . 6.86 13.88 -3.64
C1 IPA E . -1.88 -17.19 8.38
C2 IPA E . -2.20 -17.97 7.16
C3 IPA E . -3.22 -17.20 6.31
O2 IPA E . -1.01 -18.00 6.46
C1 GOL F . -4.27 -21.74 12.02
O1 GOL F . -3.03 -21.81 11.32
C2 GOL F . -4.89 -20.37 11.90
O2 GOL F . -5.23 -20.10 10.54
C3 GOL F . -6.11 -20.27 12.79
O3 GOL F . -6.69 -18.96 12.74
#